data_5LB1
#
_entry.id   5LB1
#
_cell.length_a   53.368
_cell.length_b   53.910
_cell.length_c   57.174
_cell.angle_alpha   68.84
_cell.angle_beta   75.03
_cell.angle_gamma   88.64
#
_symmetry.space_group_name_H-M   'P 1'
#
loop_
_entity.id
_entity.type
_entity.pdbx_description
1 polymer 'L,D-transpeptidase 2'
2 non-polymer '5-MERCAPTO-2-NITRO-BENZOIC ACID'
3 water water
#
_entity_poly.entity_id   1
_entity_poly.type   'polypeptide(L)'
_entity_poly.pdbx_seq_one_letter_code
;SMAHLTMPYVMPGDGEVVGVGEPVAIRFDENIADRGAAEKAIKITTNPPVEGAFYWLNNREVRWRPEHFWKPGTAVDVAV
NTYGVDLGEGMFGEDNVQTHFTIGDEVIATADDNTKILTVRVNGEVVKSMPTSMGKDSTPTANGIYIVGSRYKHIIMDSS
TYGVPVNSPNGYRTDVDWATQISYSGVFVHSAPWSVGAQGHTNTSHGCLNVSPSNAQWFYDHVKRGDIVEVVNTVGGTLP
GIDGLGDWNIPWDQWRAGNAKA
;
_entity_poly.pdbx_strand_id   A,B
#
# COMPACT_ATOMS: atom_id res chain seq x y z
N HIS A 4 2.44 -15.65 4.17
CA HIS A 4 1.92 -16.23 2.86
C HIS A 4 0.80 -15.41 2.23
N LEU A 5 0.80 -14.11 2.53
CA LEU A 5 -0.17 -13.15 2.02
C LEU A 5 0.54 -12.05 1.24
N THR A 6 -0.05 -11.62 0.13
CA THR A 6 0.51 -10.45 -0.56
C THR A 6 -0.61 -9.46 -0.87
N MET A 7 -0.32 -8.19 -0.60
CA MET A 7 -1.25 -7.08 -0.81
C MET A 7 -1.03 -6.44 -2.16
N PRO A 8 -2.10 -6.32 -2.97
CA PRO A 8 -1.97 -5.48 -4.15
C PRO A 8 -2.18 -4.00 -3.85
N TYR A 9 -1.47 -3.16 -4.62
CA TYR A 9 -1.62 -1.71 -4.55
C TYR A 9 -1.84 -1.19 -5.99
N VAL A 10 -2.88 -0.39 -6.19
CA VAL A 10 -3.26 0.02 -7.55
C VAL A 10 -3.00 1.52 -7.78
N MET A 11 -2.51 1.85 -8.98
CA MET A 11 -2.38 3.26 -9.45
C MET A 11 -3.05 3.32 -10.82
N PRO A 12 -3.55 4.50 -11.22
CA PRO A 12 -3.54 5.76 -10.47
C PRO A 12 -4.59 5.80 -9.35
N GLY A 13 -4.57 6.90 -8.61
CA GLY A 13 -5.45 7.12 -7.51
C GLY A 13 -6.91 7.20 -7.86
N ASP A 14 -7.74 6.79 -6.91
CA ASP A 14 -9.18 6.68 -7.16
C ASP A 14 -9.72 8.09 -7.29
N GLY A 15 -10.46 8.33 -8.36
CA GLY A 15 -11.07 9.61 -8.64
C GLY A 15 -10.15 10.61 -9.35
N GLU A 16 -8.90 10.22 -9.64
CA GLU A 16 -7.94 11.15 -10.26
C GLU A 16 -8.25 11.38 -11.73
N VAL A 17 -7.82 12.52 -12.23
CA VAL A 17 -7.75 12.81 -13.65
C VAL A 17 -6.26 12.74 -14.03
N VAL A 18 -5.95 11.91 -15.03
CA VAL A 18 -4.57 11.66 -15.44
C VAL A 18 -4.41 11.94 -16.93
N GLY A 19 -3.16 12.09 -17.36
CA GLY A 19 -2.85 12.30 -18.75
C GLY A 19 -2.98 11.08 -19.65
N VAL A 20 -2.83 11.31 -20.96
CA VAL A 20 -3.08 10.29 -22.00
C VAL A 20 -2.07 9.13 -22.05
N GLY A 21 -0.97 9.26 -21.30
CA GLY A 21 0.04 8.21 -21.23
C GLY A 21 -0.02 7.39 -19.96
N GLU A 22 -1.00 7.61 -19.07
CA GLU A 22 -0.99 6.88 -17.77
C GLU A 22 -1.36 5.41 -17.90
N PRO A 23 -0.43 4.49 -17.57
CA PRO A 23 -0.84 3.10 -17.48
C PRO A 23 -1.62 2.78 -16.18
N VAL A 24 -2.43 1.72 -16.20
CA VAL A 24 -2.92 1.12 -14.97
C VAL A 24 -1.76 0.32 -14.39
N ALA A 25 -1.51 0.45 -13.09
CA ALA A 25 -0.42 -0.28 -12.44
C ALA A 25 -0.92 -1.04 -11.25
N ILE A 26 -0.58 -2.32 -11.19
CA ILE A 26 -0.86 -3.12 -9.99
C ILE A 26 0.50 -3.65 -9.46
N ARG A 27 0.90 -3.16 -8.28
CA ARG A 27 2.17 -3.57 -7.66
C ARG A 27 1.89 -4.34 -6.38
N PHE A 28 2.36 -5.58 -6.32
CA PHE A 28 2.22 -6.43 -5.15
C PHE A 28 3.40 -6.21 -4.21
N ASP A 29 3.17 -6.42 -2.92
CA ASP A 29 4.26 -6.26 -1.94
C ASP A 29 5.19 -7.49 -1.80
N GLU A 30 4.90 -8.54 -2.59
CA GLU A 30 5.77 -9.69 -2.76
C GLU A 30 5.89 -10.05 -4.24
N ASN A 31 6.94 -10.79 -4.58
CA ASN A 31 7.10 -11.32 -5.93
C ASN A 31 5.96 -12.29 -6.24
N ILE A 32 5.48 -12.23 -7.47
CA ILE A 32 4.37 -13.06 -7.91
C ILE A 32 4.88 -14.22 -8.74
N ALA A 33 4.72 -15.45 -8.26
CA ALA A 33 5.17 -16.64 -9.00
C ALA A 33 4.29 -16.96 -10.20
N ASP A 34 2.98 -16.83 -10.04
CA ASP A 34 2.03 -17.18 -11.10
C ASP A 34 1.40 -15.89 -11.68
N ARG A 35 2.09 -15.35 -12.66
CA ARG A 35 1.66 -14.08 -13.32
C ARG A 35 0.31 -14.22 -14.03
N GLY A 36 0.06 -15.38 -14.61
CA GLY A 36 -1.22 -15.68 -15.23
C GLY A 36 -2.40 -15.56 -14.27
N ALA A 37 -2.22 -16.09 -13.05
CA ALA A 37 -3.26 -16.03 -12.01
C ALA A 37 -3.55 -14.59 -11.66
N ALA A 38 -2.49 -13.79 -11.51
CA ALA A 38 -2.66 -12.38 -11.20
C ALA A 38 -3.44 -11.66 -12.35
N GLU A 39 -3.04 -11.88 -13.60
CA GLU A 39 -3.72 -11.22 -14.76
C GLU A 39 -5.22 -11.60 -14.86
N LYS A 40 -5.50 -12.87 -14.65
CA LYS A 40 -6.90 -13.38 -14.70
C LYS A 40 -7.80 -12.70 -13.67
N ALA A 41 -7.21 -12.33 -12.52
CA ALA A 41 -7.94 -11.72 -11.42
C ALA A 41 -8.16 -10.19 -11.56
N ILE A 42 -7.58 -9.58 -12.58
CA ILE A 42 -7.69 -8.11 -12.78
C ILE A 42 -8.56 -7.83 -13.98
N LYS A 43 -9.64 -7.08 -13.76
CA LYS A 43 -10.61 -6.77 -14.81
C LYS A 43 -10.66 -5.26 -15.03
N ILE A 44 -10.33 -4.85 -16.26
CA ILE A 44 -10.28 -3.43 -16.58
C ILE A 44 -11.35 -3.15 -17.64
N THR A 45 -12.18 -2.14 -17.36
N THR A 45 -12.17 -2.14 -17.40
CA THR A 45 -13.28 -1.71 -18.23
CA THR A 45 -13.20 -1.76 -18.35
C THR A 45 -13.05 -0.24 -18.63
C THR A 45 -13.09 -0.28 -18.63
N THR A 46 -13.22 0.09 -19.91
N THR A 46 -13.43 0.11 -19.85
CA THR A 46 -13.06 1.49 -20.33
CA THR A 46 -13.17 1.44 -20.32
C THR A 46 -14.33 1.98 -21.07
C THR A 46 -14.37 1.98 -21.07
N ASN A 47 -14.54 3.29 -21.06
CA ASN A 47 -15.63 3.96 -21.79
C ASN A 47 -15.15 5.36 -22.23
N PRO A 48 -14.99 5.58 -23.55
CA PRO A 48 -15.29 4.66 -24.67
C PRO A 48 -14.47 3.38 -24.62
N PRO A 49 -15.08 2.24 -24.98
CA PRO A 49 -14.31 0.97 -25.01
C PRO A 49 -13.04 1.04 -25.89
N VAL A 50 -11.94 0.53 -25.35
CA VAL A 50 -10.69 0.39 -26.09
C VAL A 50 -9.94 -0.82 -25.53
N GLU A 51 -9.29 -1.58 -26.40
CA GLU A 51 -8.52 -2.72 -25.94
C GLU A 51 -7.20 -2.32 -25.29
N GLY A 52 -6.80 -3.09 -24.30
CA GLY A 52 -5.51 -2.94 -23.65
C GLY A 52 -4.99 -4.29 -23.28
N ALA A 53 -3.79 -4.32 -22.71
CA ALA A 53 -3.14 -5.59 -22.38
C ALA A 53 -2.14 -5.42 -21.25
N PHE A 54 -1.78 -6.52 -20.59
CA PHE A 54 -0.88 -6.55 -19.44
C PHE A 54 0.58 -6.86 -19.85
N TYR A 55 1.53 -6.23 -19.16
CA TYR A 55 2.95 -6.50 -19.30
C TYR A 55 3.63 -6.23 -17.95
N TRP A 56 4.49 -7.18 -17.52
CA TRP A 56 5.22 -7.06 -16.26
C TRP A 56 6.54 -6.31 -16.41
N LEU A 57 6.77 -5.34 -15.53
CA LEU A 57 8.04 -4.60 -15.52
C LEU A 57 9.12 -5.32 -14.72
N ASN A 58 8.66 -6.20 -13.81
CA ASN A 58 9.56 -6.97 -12.93
C ASN A 58 8.66 -7.96 -12.20
N ASN A 59 9.14 -8.63 -11.16
CA ASN A 59 8.37 -9.70 -10.58
C ASN A 59 7.27 -9.20 -9.66
N ARG A 60 7.24 -7.91 -9.34
CA ARG A 60 6.23 -7.38 -8.43
C ARG A 60 5.15 -6.52 -9.07
N GLU A 61 5.38 -6.08 -10.29
CA GLU A 61 4.52 -5.02 -10.82
C GLU A 61 4.11 -5.28 -12.27
N VAL A 62 2.79 -5.26 -12.49
CA VAL A 62 2.19 -5.40 -13.82
C VAL A 62 1.52 -4.10 -14.23
N ARG A 63 1.59 -3.83 -15.52
CA ARG A 63 1.02 -2.63 -16.13
C ARG A 63 -0.02 -3.03 -17.19
N TRP A 64 -1.00 -2.17 -17.38
CA TRP A 64 -2.00 -2.37 -18.46
C TRP A 64 -2.21 -1.05 -19.16
N ARG A 65 -2.20 -1.10 -20.49
CA ARG A 65 -2.42 0.12 -21.30
C ARG A 65 -2.93 -0.26 -22.68
N PRO A 66 -3.51 0.73 -23.38
CA PRO A 66 -3.87 0.54 -24.79
C PRO A 66 -2.67 0.62 -25.74
N GLU A 67 -2.93 0.41 -27.03
CA GLU A 67 -1.91 0.48 -28.04
C GLU A 67 -1.38 1.90 -28.27
N HIS A 68 -2.31 2.84 -28.31
CA HIS A 68 -2.01 4.25 -28.46
C HIS A 68 -2.39 4.98 -27.19
N PHE A 69 -1.93 6.22 -27.07
CA PHE A 69 -2.31 7.06 -25.96
C PHE A 69 -3.84 7.10 -25.84
N TRP A 70 -4.30 7.23 -24.61
CA TRP A 70 -5.74 7.31 -24.27
C TRP A 70 -6.41 8.49 -24.97
N LYS A 71 -7.67 8.31 -25.34
CA LYS A 71 -8.53 9.47 -25.69
C LYS A 71 -8.95 10.29 -24.46
N PRO A 72 -8.73 11.62 -24.49
CA PRO A 72 -9.28 12.45 -23.44
C PRO A 72 -10.73 12.15 -23.19
N GLY A 73 -11.09 12.14 -21.92
CA GLY A 73 -12.45 11.88 -21.44
C GLY A 73 -12.77 10.42 -21.06
N THR A 74 -11.93 9.49 -21.49
CA THR A 74 -12.13 8.06 -21.23
C THR A 74 -12.20 7.83 -19.72
N ALA A 75 -13.19 7.04 -19.32
CA ALA A 75 -13.38 6.62 -17.93
C ALA A 75 -12.94 5.15 -17.82
N VAL A 76 -12.14 4.89 -16.78
CA VAL A 76 -11.51 3.60 -16.59
C VAL A 76 -11.85 3.05 -15.20
N ASP A 77 -12.35 1.81 -15.19
N ASP A 77 -12.25 1.78 -15.20
CA ASP A 77 -12.64 1.09 -13.95
CA ASP A 77 -12.66 1.04 -14.02
C ASP A 77 -11.69 -0.10 -13.86
C ASP A 77 -11.68 -0.13 -13.86
N VAL A 78 -11.06 -0.27 -12.69
CA VAL A 78 -10.10 -1.32 -12.43
C VAL A 78 -10.58 -2.14 -11.23
N ALA A 79 -10.82 -3.44 -11.46
CA ALA A 79 -11.21 -4.34 -10.40
C ALA A 79 -10.12 -5.38 -10.19
N VAL A 80 -9.41 -5.28 -9.06
CA VAL A 80 -8.35 -6.21 -8.74
C VAL A 80 -8.94 -7.23 -7.75
N ASN A 81 -9.37 -8.37 -8.28
CA ASN A 81 -10.18 -9.35 -7.50
C ASN A 81 -9.28 -10.49 -7.04
N THR A 82 -8.26 -10.09 -6.27
CA THR A 82 -7.22 -11.03 -5.85
C THR A 82 -7.42 -11.70 -4.50
N TYR A 83 -8.44 -11.32 -3.75
CA TYR A 83 -8.61 -11.88 -2.41
C TYR A 83 -8.73 -13.41 -2.50
N GLY A 84 -7.83 -14.09 -1.77
CA GLY A 84 -7.83 -15.55 -1.71
C GLY A 84 -7.31 -16.30 -2.93
N VAL A 85 -6.81 -15.57 -3.93
CA VAL A 85 -6.37 -16.18 -5.17
C VAL A 85 -4.99 -16.74 -4.97
N ASP A 86 -4.78 -17.98 -5.44
CA ASP A 86 -3.48 -18.63 -5.39
C ASP A 86 -2.56 -17.99 -6.42
N LEU A 87 -1.58 -17.23 -5.94
CA LEU A 87 -0.66 -16.53 -6.82
C LEU A 87 0.65 -17.29 -6.93
N GLY A 88 0.65 -18.55 -6.44
CA GLY A 88 1.74 -19.48 -6.66
C GLY A 88 2.68 -19.53 -5.46
N GLU A 89 3.37 -20.66 -5.30
CA GLU A 89 4.31 -20.92 -4.19
C GLU A 89 3.71 -20.63 -2.81
N GLY A 90 2.46 -21.05 -2.65
CA GLY A 90 1.72 -20.83 -1.42
C GLY A 90 1.43 -19.38 -1.05
N MET A 91 1.50 -18.46 -2.01
N MET A 91 1.49 -18.45 -2.02
CA MET A 91 1.19 -17.05 -1.76
CA MET A 91 1.20 -17.04 -1.74
C MET A 91 -0.24 -16.79 -2.23
C MET A 91 -0.20 -16.71 -2.26
N PHE A 92 -1.03 -16.14 -1.39
CA PHE A 92 -2.42 -15.82 -1.70
C PHE A 92 -2.69 -14.33 -1.60
N GLY A 93 -3.59 -13.84 -2.45
CA GLY A 93 -3.98 -12.43 -2.38
C GLY A 93 -4.65 -12.12 -1.06
N GLU A 94 -4.18 -11.06 -0.43
CA GLU A 94 -4.64 -10.68 0.91
C GLU A 94 -5.96 -9.95 0.85
N ASP A 95 -6.26 -9.29 -0.27
CA ASP A 95 -7.45 -8.42 -0.36
C ASP A 95 -7.70 -8.10 -1.83
N ASN A 96 -8.86 -7.49 -2.08
CA ASN A 96 -9.24 -6.93 -3.36
C ASN A 96 -8.94 -5.46 -3.33
N VAL A 97 -8.83 -4.85 -4.50
N VAL A 97 -8.77 -4.84 -4.49
CA VAL A 97 -8.71 -3.40 -4.61
CA VAL A 97 -8.74 -3.38 -4.55
C VAL A 97 -9.47 -2.92 -5.83
C VAL A 97 -9.42 -2.90 -5.83
N GLN A 98 -9.78 -1.63 -5.87
CA GLN A 98 -10.29 -1.07 -7.07
C GLN A 98 -9.89 0.37 -7.21
N THR A 99 -10.04 0.89 -8.41
CA THR A 99 -9.88 2.30 -8.63
C THR A 99 -10.74 2.67 -9.82
N HIS A 100 -11.09 3.95 -9.91
N HIS A 100 -11.17 3.92 -9.86
CA HIS A 100 -11.80 4.51 -11.04
CA HIS A 100 -11.79 4.51 -11.04
C HIS A 100 -11.13 5.84 -11.31
C HIS A 100 -11.08 5.82 -11.31
N PHE A 101 -10.82 6.10 -12.58
CA PHE A 101 -10.21 7.38 -12.96
C PHE A 101 -10.66 7.82 -14.35
N THR A 102 -10.34 9.05 -14.72
N THR A 102 -10.26 9.03 -14.73
CA THR A 102 -10.59 9.56 -16.06
CA THR A 102 -10.62 9.58 -16.01
C THR A 102 -9.36 10.20 -16.66
C THR A 102 -9.39 10.23 -16.66
N ILE A 103 -9.39 10.30 -17.98
CA ILE A 103 -8.31 10.89 -18.77
C ILE A 103 -8.66 12.36 -19.05
N GLY A 104 -7.66 13.22 -18.82
CA GLY A 104 -7.79 14.68 -19.06
C GLY A 104 -7.25 15.09 -20.41
N ASP A 105 -6.88 16.38 -20.50
CA ASP A 105 -6.35 16.94 -21.73
C ASP A 105 -5.15 16.14 -22.22
N GLU A 106 -4.99 16.13 -23.54
CA GLU A 106 -3.77 15.66 -24.20
C GLU A 106 -2.64 16.68 -24.04
N VAL A 107 -1.59 16.30 -23.32
CA VAL A 107 -0.45 17.18 -23.09
C VAL A 107 0.82 16.40 -23.45
N ILE A 108 1.45 16.81 -24.53
CA ILE A 108 2.63 16.16 -25.07
C ILE A 108 3.70 17.24 -25.33
N ALA A 109 4.82 17.12 -24.61
CA ALA A 109 5.96 18.00 -24.75
C ALA A 109 7.07 17.25 -25.46
N THR A 110 7.68 17.88 -26.44
CA THR A 110 8.74 17.27 -27.25
C THR A 110 10.03 18.09 -27.10
N ALA A 111 11.09 17.40 -26.65
CA ALA A 111 12.43 18.03 -26.54
C ALA A 111 13.29 17.50 -27.69
N ASP A 112 13.70 18.41 -28.57
CA ASP A 112 14.50 18.09 -29.73
C ASP A 112 15.94 18.58 -29.54
N ASP A 113 16.90 17.66 -29.45
CA ASP A 113 18.32 18.03 -29.24
C ASP A 113 18.89 18.84 -30.41
N ASN A 114 18.30 18.71 -31.60
CA ASN A 114 18.72 19.48 -32.78
C ASN A 114 18.47 20.99 -32.60
N THR A 115 17.45 21.34 -31.85
CA THR A 115 17.05 22.75 -31.64
C THR A 115 17.22 23.20 -30.18
N LYS A 116 17.40 22.25 -29.28
CA LYS A 116 17.42 22.51 -27.84
C LYS A 116 16.20 23.29 -27.38
N ILE A 117 15.04 22.91 -27.92
CA ILE A 117 13.74 23.46 -27.51
C ILE A 117 12.83 22.34 -27.03
N LEU A 118 12.12 22.61 -25.91
CA LEU A 118 11.07 21.75 -25.35
C LEU A 118 9.73 22.41 -25.67
N THR A 119 9.01 21.83 -26.62
CA THR A 119 7.74 22.39 -27.08
C THR A 119 6.58 21.65 -26.46
N VAL A 120 5.69 22.37 -25.77
CA VAL A 120 4.55 21.78 -25.08
C VAL A 120 3.32 22.03 -25.95
N ARG A 121 2.67 20.93 -26.34
CA ARG A 121 1.40 20.97 -27.09
C ARG A 121 0.27 20.52 -26.17
N VAL A 122 -0.80 21.30 -26.10
CA VAL A 122 -2.00 21.01 -25.31
C VAL A 122 -3.17 20.85 -26.28
N ASN A 123 -3.74 19.64 -26.32
CA ASN A 123 -4.78 19.33 -27.32
C ASN A 123 -4.40 19.81 -28.73
N GLY A 124 -3.15 19.59 -29.12
CA GLY A 124 -2.65 19.95 -30.43
C GLY A 124 -2.10 21.37 -30.61
N GLU A 125 -2.38 22.28 -29.69
CA GLU A 125 -1.96 23.68 -29.80
C GLU A 125 -0.57 23.84 -29.16
N VAL A 126 0.38 24.46 -29.87
CA VAL A 126 1.68 24.86 -29.31
C VAL A 126 1.43 25.99 -28.32
N VAL A 127 1.72 25.72 -27.04
N VAL A 127 1.69 25.72 -27.03
CA VAL A 127 1.48 26.68 -25.98
CA VAL A 127 1.47 26.70 -25.94
C VAL A 127 2.77 27.22 -25.36
C VAL A 127 2.79 27.24 -25.38
N LYS A 128 3.85 26.45 -25.41
CA LYS A 128 5.16 26.92 -24.93
C LYS A 128 6.27 26.37 -25.81
N SER A 129 7.32 27.17 -26.01
CA SER A 129 8.51 26.77 -26.76
C SER A 129 9.70 27.11 -25.88
N MET A 130 10.10 26.16 -25.03
CA MET A 130 11.04 26.43 -23.96
C MET A 130 12.48 26.08 -24.31
N PRO A 131 13.38 27.07 -24.23
CA PRO A 131 14.78 26.73 -24.39
C PRO A 131 15.17 25.74 -23.30
N THR A 132 15.94 24.73 -23.66
CA THR A 132 16.39 23.73 -22.68
C THR A 132 17.90 23.42 -22.80
N SER A 133 18.47 22.94 -21.71
CA SER A 133 19.83 22.41 -21.69
C SER A 133 19.71 21.03 -21.07
N MET A 134 20.06 20.00 -21.85
CA MET A 134 19.89 18.59 -21.44
C MET A 134 21.25 18.02 -21.01
N GLY A 135 21.35 16.70 -20.91
CA GLY A 135 22.59 16.09 -20.46
C GLY A 135 23.79 16.31 -21.38
N LYS A 136 24.95 16.60 -20.78
CA LYS A 136 26.20 16.72 -21.53
C LYS A 136 26.51 15.41 -22.28
N ASP A 137 27.42 15.47 -23.25
CA ASP A 137 27.73 14.29 -24.07
C ASP A 137 28.10 13.04 -23.23
N SER A 138 28.79 13.24 -22.12
CA SER A 138 29.25 12.14 -21.27
C SER A 138 28.16 11.60 -20.34
N THR A 139 27.10 12.40 -20.15
CA THR A 139 25.96 12.00 -19.30
C THR A 139 24.67 12.45 -20.02
N PRO A 140 24.39 11.85 -21.19
CA PRO A 140 23.31 12.36 -22.04
C PRO A 140 21.91 11.99 -21.54
N THR A 141 20.93 12.75 -21.97
CA THR A 141 19.54 12.45 -21.73
C THR A 141 19.13 11.41 -22.79
N ALA A 142 18.59 10.28 -22.35
CA ALA A 142 18.08 9.24 -23.26
C ALA A 142 16.90 9.72 -24.13
N ASN A 143 16.89 9.23 -25.36
CA ASN A 143 15.75 9.49 -26.25
C ASN A 143 14.63 8.59 -25.80
N GLY A 144 13.41 8.98 -26.16
CA GLY A 144 12.25 8.13 -25.97
C GLY A 144 11.03 8.82 -25.45
N ILE A 145 10.03 8.00 -25.14
CA ILE A 145 8.75 8.48 -24.60
C ILE A 145 8.82 8.30 -23.08
N TYR A 146 8.62 9.41 -22.37
CA TYR A 146 8.60 9.44 -20.90
C TYR A 146 7.20 9.84 -20.40
N ILE A 147 6.76 9.19 -19.34
CA ILE A 147 5.50 9.50 -18.69
C ILE A 147 5.75 10.41 -17.47
N VAL A 148 5.00 11.50 -17.38
CA VAL A 148 5.09 12.37 -16.19
C VAL A 148 4.63 11.65 -14.90
N GLY A 149 5.47 11.74 -13.85
CA GLY A 149 5.18 11.21 -12.54
C GLY A 149 4.86 12.30 -11.53
N SER A 150 5.61 12.30 -10.44
CA SER A 150 5.39 13.25 -9.36
C SER A 150 6.02 14.60 -9.63
N ARG A 151 5.49 15.59 -8.92
CA ARG A 151 5.89 16.98 -9.06
C ARG A 151 6.22 17.55 -7.67
N TYR A 152 7.24 18.39 -7.62
CA TYR A 152 7.77 18.93 -6.37
C TYR A 152 7.98 20.44 -6.53
N LYS A 153 7.36 21.25 -5.66
CA LYS A 153 7.58 22.68 -5.67
C LYS A 153 9.05 23.04 -5.35
N HIS A 154 9.63 22.27 -4.42
CA HIS A 154 11.01 22.40 -4.05
C HIS A 154 11.55 21.03 -3.67
N ILE A 155 12.79 20.74 -4.04
CA ILE A 155 13.44 19.46 -3.74
C ILE A 155 14.95 19.72 -3.65
N ILE A 156 15.63 18.99 -2.79
CA ILE A 156 17.09 19.07 -2.71
C ILE A 156 17.66 17.91 -3.53
N MET A 157 18.43 18.22 -4.56
CA MET A 157 19.09 17.22 -5.38
C MET A 157 20.52 17.25 -4.94
N ASP A 158 21.00 16.15 -4.41
CA ASP A 158 22.36 16.13 -3.90
C ASP A 158 23.21 14.97 -4.45
N SER A 159 24.47 14.98 -4.03
CA SER A 159 25.48 14.08 -4.56
C SER A 159 25.27 12.65 -4.12
N SER A 160 24.52 12.41 -3.04
CA SER A 160 24.24 11.03 -2.57
C SER A 160 23.47 10.21 -3.63
N THR A 161 22.77 10.90 -4.53
CA THR A 161 22.11 10.22 -5.68
C THR A 161 23.13 9.49 -6.57
N TYR A 162 24.37 9.97 -6.58
CA TYR A 162 25.39 9.34 -7.36
C TYR A 162 26.41 8.60 -6.44
N GLY A 163 26.04 8.36 -5.19
CA GLY A 163 26.92 7.63 -4.23
C GLY A 163 28.00 8.45 -3.52
N VAL A 164 27.89 9.78 -3.56
CA VAL A 164 28.91 10.64 -2.93
C VAL A 164 28.32 11.44 -1.77
N PRO A 165 28.86 11.26 -0.55
CA PRO A 165 28.31 11.97 0.61
C PRO A 165 28.38 13.49 0.49
N VAL A 166 27.35 14.17 0.98
CA VAL A 166 27.25 15.62 0.80
C VAL A 166 28.41 16.40 1.46
N ASN A 167 28.88 15.95 2.62
CA ASN A 167 29.93 16.71 3.35
C ASN A 167 31.37 16.35 2.98
N SER A 168 31.53 15.45 2.03
CA SER A 168 32.84 15.08 1.53
C SER A 168 33.34 16.07 0.49
N PRO A 169 34.63 16.00 0.08
CA PRO A 169 35.15 17.11 -0.73
C PRO A 169 34.45 17.33 -2.07
N ASN A 170 33.99 16.24 -2.68
CA ASN A 170 33.24 16.33 -3.93
C ASN A 170 31.70 16.32 -3.77
N GLY A 171 31.24 16.37 -2.52
CA GLY A 171 29.84 16.40 -2.22
C GLY A 171 29.19 17.74 -2.58
N TYR A 172 27.88 17.73 -2.77
CA TYR A 172 27.11 18.94 -3.03
C TYR A 172 25.65 18.69 -2.73
N ARG A 173 24.88 19.77 -2.54
N ARG A 173 24.90 19.77 -2.52
CA ARG A 173 23.45 19.71 -2.39
CA ARG A 173 23.44 19.73 -2.37
C ARG A 173 22.90 20.98 -3.04
C ARG A 173 22.92 20.98 -3.06
N THR A 174 21.89 20.80 -3.89
CA THR A 174 21.34 21.87 -4.72
C THR A 174 19.87 22.05 -4.43
N ASP A 175 19.48 23.25 -4.03
CA ASP A 175 18.08 23.64 -3.95
C ASP A 175 17.53 23.77 -5.37
N VAL A 176 16.48 23.02 -5.66
CA VAL A 176 15.85 23.00 -6.99
C VAL A 176 14.37 23.29 -6.82
N ASP A 177 13.84 24.17 -7.66
CA ASP A 177 12.42 24.51 -7.68
C ASP A 177 11.72 23.87 -8.88
N TRP A 178 10.44 23.64 -8.72
CA TRP A 178 9.54 23.29 -9.82
C TRP A 178 10.06 22.09 -10.62
N ALA A 179 10.23 20.97 -9.93
CA ALA A 179 10.77 19.75 -10.51
C ALA A 179 9.67 18.75 -10.79
N THR A 180 9.57 18.37 -12.06
CA THR A 180 8.62 17.36 -12.50
C THR A 180 9.39 16.09 -12.94
N GLN A 181 9.12 14.97 -12.26
CA GLN A 181 9.77 13.70 -12.55
C GLN A 181 9.21 13.11 -13.84
N ILE A 182 10.09 12.69 -14.73
CA ILE A 182 9.67 11.95 -15.93
C ILE A 182 10.31 10.57 -16.13
N SER A 183 11.26 10.17 -15.29
CA SER A 183 11.74 8.76 -15.30
C SER A 183 12.17 8.33 -13.90
N TYR A 184 12.04 7.05 -13.61
CA TYR A 184 12.57 6.51 -12.34
C TYR A 184 14.09 6.47 -12.32
N SER A 185 14.69 6.45 -13.50
CA SER A 185 16.15 6.60 -13.64
C SER A 185 16.64 7.96 -13.10
N GLY A 186 15.74 8.92 -12.92
CA GLY A 186 16.10 10.19 -12.32
C GLY A 186 16.10 11.40 -13.21
N VAL A 187 15.40 11.33 -14.35
CA VAL A 187 15.25 12.50 -15.21
C VAL A 187 14.06 13.35 -14.73
N PHE A 188 14.31 14.66 -14.61
CA PHE A 188 13.30 15.66 -14.23
C PHE A 188 13.37 16.83 -15.23
N VAL A 189 12.23 17.51 -15.40
CA VAL A 189 12.18 18.85 -16.00
C VAL A 189 12.18 19.79 -14.76
N HIS A 190 13.08 20.77 -14.70
CA HIS A 190 13.14 21.60 -13.50
C HIS A 190 13.74 22.98 -13.77
N SER A 191 13.57 23.88 -12.79
CA SER A 191 14.16 25.22 -12.85
C SER A 191 15.68 25.15 -12.73
N ALA A 192 16.39 25.78 -13.67
CA ALA A 192 17.84 25.85 -13.61
C ALA A 192 18.32 27.29 -13.89
N PRO A 193 18.22 28.17 -12.88
CA PRO A 193 18.64 29.57 -13.10
C PRO A 193 20.10 29.67 -13.56
N TRP A 194 20.93 28.74 -13.08
CA TRP A 194 22.39 28.80 -13.34
C TRP A 194 22.76 28.56 -14.82
N SER A 195 21.85 27.95 -15.59
CA SER A 195 22.15 27.60 -16.96
C SER A 195 21.28 28.28 -18.02
N VAL A 196 20.59 29.37 -17.66
N VAL A 196 20.60 29.36 -17.65
CA VAL A 196 19.71 30.04 -18.62
CA VAL A 196 19.73 30.08 -18.57
C VAL A 196 20.44 30.47 -19.90
C VAL A 196 20.44 30.47 -19.88
N GLY A 197 21.68 30.96 -19.78
CA GLY A 197 22.48 31.30 -20.96
C GLY A 197 22.71 30.13 -21.93
N ALA A 198 22.89 28.93 -21.35
CA ALA A 198 23.14 27.71 -22.14
C ALA A 198 21.87 27.14 -22.73
N GLN A 199 20.74 27.36 -22.09
CA GLN A 199 19.46 26.76 -22.57
C GLN A 199 19.12 27.27 -23.96
N GLY A 200 18.80 26.36 -24.89
CA GLY A 200 18.62 26.71 -26.31
C GLY A 200 19.90 26.60 -27.16
N HIS A 201 21.04 26.29 -26.51
CA HIS A 201 22.36 26.34 -27.14
C HIS A 201 23.28 25.14 -26.85
N THR A 202 23.45 24.81 -25.57
N THR A 202 23.50 24.82 -25.59
CA THR A 202 24.45 23.84 -25.12
CA THR A 202 24.38 23.71 -25.28
C THR A 202 23.87 22.93 -24.04
C THR A 202 23.86 22.93 -24.09
N ASN A 203 24.20 21.64 -24.07
CA ASN A 203 23.81 20.73 -23.01
C ASN A 203 24.84 20.72 -21.87
N THR A 204 24.38 20.95 -20.65
CA THR A 204 25.26 21.12 -19.51
C THR A 204 24.96 20.23 -18.30
N SER A 205 23.86 19.44 -18.36
CA SER A 205 23.35 18.77 -17.14
C SER A 205 23.86 17.35 -17.01
N HIS A 206 23.44 16.72 -15.92
CA HIS A 206 23.72 15.33 -15.65
C HIS A 206 22.67 14.42 -16.31
N GLY A 207 21.70 14.99 -17.03
CA GLY A 207 20.65 14.20 -17.65
C GLY A 207 19.30 14.88 -17.58
N CYS A 208 19.09 15.75 -16.59
CA CYS A 208 17.82 16.43 -16.43
C CYS A 208 17.63 17.48 -17.56
N LEU A 209 16.37 17.87 -17.78
CA LEU A 209 16.01 18.92 -18.75
C LEU A 209 15.96 20.25 -17.97
N ASN A 210 17.02 21.05 -18.07
CA ASN A 210 17.04 22.35 -17.43
C ASN A 210 16.19 23.34 -18.25
N VAL A 211 15.32 24.10 -17.59
CA VAL A 211 14.60 25.20 -18.27
C VAL A 211 14.58 26.41 -17.32
N SER A 212 14.06 27.54 -17.78
CA SER A 212 14.12 28.75 -16.96
C SER A 212 13.18 28.63 -15.76
N PRO A 213 13.41 29.41 -14.72
CA PRO A 213 12.45 29.40 -13.61
C PRO A 213 10.97 29.60 -14.02
N SER A 214 10.72 30.54 -14.95
CA SER A 214 9.36 30.84 -15.36
C SER A 214 8.74 29.63 -16.05
N ASN A 215 9.52 29.04 -16.96
CA ASN A 215 9.05 27.88 -17.73
C ASN A 215 8.87 26.65 -16.87
N ALA A 216 9.75 26.45 -15.88
CA ALA A 216 9.63 25.30 -14.99
C ALA A 216 8.35 25.39 -14.15
N GLN A 217 8.05 26.58 -13.61
CA GLN A 217 6.82 26.80 -12.85
C GLN A 217 5.60 26.59 -13.77
N TRP A 218 5.63 27.14 -14.97
CA TRP A 218 4.57 26.89 -15.93
C TRP A 218 4.33 25.39 -16.14
N PHE A 219 5.43 24.64 -16.31
CA PHE A 219 5.37 23.20 -16.55
C PHE A 219 4.73 22.50 -15.34
N TYR A 220 5.22 22.79 -14.13
CA TYR A 220 4.67 22.28 -12.88
C TYR A 220 3.15 22.52 -12.77
N ASP A 221 2.71 23.74 -13.09
CA ASP A 221 1.32 24.14 -12.94
C ASP A 221 0.38 23.51 -14.00
N HIS A 222 0.90 23.18 -15.18
CA HIS A 222 0.07 22.77 -16.33
C HIS A 222 0.20 21.33 -16.75
N VAL A 223 1.16 20.60 -16.18
N VAL A 223 1.12 20.58 -16.14
CA VAL A 223 1.24 19.15 -16.43
CA VAL A 223 1.33 19.18 -16.49
C VAL A 223 0.77 18.36 -15.24
C VAL A 223 0.95 18.32 -15.27
N LYS A 224 0.42 17.12 -15.51
CA LYS A 224 -0.11 16.23 -14.51
C LYS A 224 0.45 14.82 -14.77
N ARG A 225 0.34 13.96 -13.75
N ARG A 225 0.35 13.97 -13.74
CA ARG A 225 0.68 12.55 -13.84
CA ARG A 225 0.68 12.56 -13.84
C ARG A 225 0.02 11.96 -15.10
C ARG A 225 0.02 11.95 -15.08
N GLY A 226 0.83 11.31 -15.93
CA GLY A 226 0.35 10.64 -17.15
C GLY A 226 0.47 11.46 -18.42
N ASP A 227 0.83 12.74 -18.29
CA ASP A 227 1.18 13.53 -19.46
C ASP A 227 2.50 12.98 -20.05
N ILE A 228 2.86 13.41 -21.27
CA ILE A 228 3.97 12.84 -22.03
C ILE A 228 5.08 13.85 -22.30
N VAL A 229 6.32 13.42 -22.09
CA VAL A 229 7.51 14.09 -22.64
C VAL A 229 8.24 13.14 -23.58
N GLU A 230 8.43 13.56 -24.83
CA GLU A 230 9.21 12.81 -25.81
C GLU A 230 10.53 13.51 -26.11
N VAL A 231 11.65 12.78 -25.95
CA VAL A 231 13.00 13.26 -26.23
C VAL A 231 13.48 12.61 -27.54
N VAL A 232 13.99 13.47 -28.45
CA VAL A 232 14.53 13.02 -29.73
C VAL A 232 15.86 13.69 -30.07
N ASN A 233 16.64 12.95 -30.86
CA ASN A 233 17.89 13.39 -31.48
C ASN A 233 19.09 13.61 -30.55
N THR A 234 19.00 13.12 -29.31
CA THR A 234 20.16 13.21 -28.43
C THR A 234 21.21 12.17 -28.80
N VAL A 235 22.39 12.31 -28.21
CA VAL A 235 23.45 11.32 -28.39
C VAL A 235 23.32 10.15 -27.43
N GLY A 236 22.23 10.12 -26.66
CA GLY A 236 22.00 9.02 -25.75
C GLY A 236 21.37 7.84 -26.46
N GLY A 237 21.11 6.80 -25.68
CA GLY A 237 20.37 5.64 -26.18
C GLY A 237 18.88 5.90 -26.03
N THR A 238 18.14 4.83 -25.74
CA THR A 238 16.69 4.91 -25.56
C THR A 238 16.31 4.50 -24.12
N LEU A 239 15.33 5.21 -23.56
CA LEU A 239 14.84 4.94 -22.23
C LEU A 239 14.32 3.52 -22.21
N PRO A 240 14.73 2.73 -21.20
CA PRO A 240 14.17 1.38 -21.06
C PRO A 240 12.64 1.33 -20.90
N GLY A 241 12.02 0.40 -21.61
CA GLY A 241 10.58 0.12 -21.45
C GLY A 241 10.18 -0.24 -20.03
N ILE A 242 11.11 -0.83 -19.27
CA ILE A 242 10.85 -1.23 -17.89
C ILE A 242 11.33 -0.24 -16.82
N ASP A 243 11.58 1.01 -17.20
CA ASP A 243 12.04 2.05 -16.24
C ASP A 243 11.11 2.22 -15.06
N GLY A 244 9.80 2.20 -15.35
CA GLY A 244 8.77 2.62 -14.45
C GLY A 244 7.87 3.70 -15.05
N LEU A 245 8.48 4.58 -15.84
CA LEU A 245 7.78 5.61 -16.62
C LEU A 245 8.10 5.51 -18.12
N GLY A 246 8.63 4.37 -18.55
CA GLY A 246 9.08 4.10 -19.91
C GLY A 246 8.25 3.18 -20.77
N ASP A 247 7.03 2.91 -20.32
CA ASP A 247 6.15 1.85 -20.87
C ASP A 247 5.91 1.93 -22.37
N TRP A 248 5.78 3.14 -22.87
CA TRP A 248 5.45 3.36 -24.29
C TRP A 248 6.59 3.09 -25.25
N ASN A 249 7.79 2.84 -24.72
CA ASN A 249 8.95 2.45 -25.55
C ASN A 249 8.95 0.99 -25.99
N ILE A 250 8.03 0.21 -25.45
CA ILE A 250 7.85 -1.19 -25.82
C ILE A 250 6.81 -1.23 -26.94
N PRO A 251 7.18 -1.76 -28.12
CA PRO A 251 6.19 -1.81 -29.20
C PRO A 251 4.97 -2.64 -28.82
N TRP A 252 3.86 -2.29 -29.43
CA TRP A 252 2.57 -2.88 -29.10
C TRP A 252 2.56 -4.40 -29.22
N ASP A 253 3.14 -4.95 -30.29
CA ASP A 253 3.06 -6.42 -30.48
C ASP A 253 3.81 -7.17 -29.38
N GLN A 254 4.95 -6.63 -28.94
CA GLN A 254 5.67 -7.16 -27.79
C GLN A 254 4.86 -7.00 -26.49
N TRP A 255 4.29 -5.82 -26.29
CA TRP A 255 3.53 -5.54 -25.07
C TRP A 255 2.32 -6.49 -24.96
N ARG A 256 1.55 -6.57 -26.05
CA ARG A 256 0.35 -7.38 -26.15
C ARG A 256 0.64 -8.85 -25.92
N ALA A 257 1.72 -9.33 -26.53
CA ALA A 257 2.11 -10.74 -26.37
C ALA A 257 2.40 -11.01 -24.89
N GLY A 258 2.90 -10.02 -24.17
CA GLY A 258 3.04 -10.12 -22.73
C GLY A 258 4.22 -10.99 -22.30
N ASN A 259 4.32 -11.19 -20.99
CA ASN A 259 5.42 -11.98 -20.43
C ASN A 259 4.95 -12.74 -19.18
N ALA A 260 3.70 -13.23 -19.24
CA ALA A 260 3.12 -13.97 -18.13
C ALA A 260 3.84 -15.29 -17.92
N LYS A 261 4.30 -15.91 -19.00
CA LYS A 261 4.98 -17.20 -18.87
C LYS A 261 6.48 -17.00 -18.78
N SER B 1 7.66 1.65 -4.01
CA SER B 1 7.63 1.79 -5.51
C SER B 1 9.00 1.56 -6.14
N MET B 2 8.97 1.46 -7.47
CA MET B 2 10.21 1.30 -8.25
C MET B 2 11.12 2.53 -8.23
N ALA B 3 10.63 3.65 -7.70
CA ALA B 3 11.47 4.87 -7.65
C ALA B 3 12.27 4.97 -6.35
N HIS B 4 12.54 3.82 -5.71
CA HIS B 4 13.16 3.75 -4.38
C HIS B 4 12.44 4.59 -3.32
N LEU B 5 11.12 4.51 -3.36
CA LEU B 5 10.25 5.19 -2.44
C LEU B 5 9.36 4.15 -1.78
N THR B 6 8.94 4.45 -0.55
N THR B 6 8.98 4.39 -0.53
CA THR B 6 8.13 3.59 0.30
CA THR B 6 8.03 3.52 0.13
C THR B 6 6.93 4.36 0.85
C THR B 6 6.94 4.35 0.80
N MET B 7 5.71 3.86 0.63
CA MET B 7 4.50 4.49 1.10
C MET B 7 3.97 3.81 2.35
N PRO B 8 3.56 4.59 3.37
CA PRO B 8 2.89 4.07 4.56
C PRO B 8 1.35 4.04 4.40
N TYR B 9 0.77 3.06 5.07
CA TYR B 9 -0.67 2.83 5.18
C TYR B 9 -1.01 2.62 6.68
N VAL B 10 -1.92 3.43 7.20
N VAL B 10 -1.91 3.44 7.20
CA VAL B 10 -2.25 3.38 8.63
CA VAL B 10 -2.22 3.44 8.64
C VAL B 10 -3.67 2.94 8.90
C VAL B 10 -3.65 2.97 8.92
N MET B 11 -3.79 2.16 9.97
CA MET B 11 -5.08 1.77 10.52
C MET B 11 -5.00 1.97 12.04
N PRO B 12 -6.15 2.15 12.74
CA PRO B 12 -7.53 2.09 12.22
C PRO B 12 -7.95 3.22 11.31
N GLY B 13 -9.16 3.10 10.72
CA GLY B 13 -9.66 4.10 9.81
C GLY B 13 -9.85 5.47 10.46
N ASP B 14 -9.69 6.53 9.66
CA ASP B 14 -9.80 7.88 10.16
C ASP B 14 -11.24 8.10 10.59
N GLY B 15 -11.45 8.61 11.80
CA GLY B 15 -12.77 8.80 12.38
C GLY B 15 -13.44 7.58 12.99
N GLU B 16 -12.76 6.43 12.97
CA GLU B 16 -13.37 5.24 13.55
C GLU B 16 -13.44 5.27 15.06
N VAL B 17 -14.41 4.53 15.59
CA VAL B 17 -14.52 4.16 16.98
C VAL B 17 -14.24 2.66 17.10
N VAL B 18 -13.21 2.32 17.87
CA VAL B 18 -12.69 0.97 17.92
C VAL B 18 -12.64 0.44 19.34
N GLY B 19 -12.61 -0.89 19.48
CA GLY B 19 -12.48 -1.51 20.78
C GLY B 19 -11.14 -1.32 21.49
N VAL B 20 -11.09 -1.74 22.75
CA VAL B 20 -9.97 -1.40 23.67
C VAL B 20 -8.70 -2.21 23.37
N GLY B 21 -8.80 -3.19 22.46
CA GLY B 21 -7.66 -4.00 22.02
C GLY B 21 -7.05 -3.58 20.68
N GLU B 22 -7.61 -2.56 20.03
CA GLU B 22 -7.16 -2.22 18.68
C GLU B 22 -5.79 -1.51 18.73
N PRO B 23 -4.77 -2.10 18.09
CA PRO B 23 -3.48 -1.40 17.99
C PRO B 23 -3.46 -0.36 16.86
N VAL B 24 -2.56 0.61 16.97
CA VAL B 24 -2.16 1.38 15.78
C VAL B 24 -1.31 0.48 14.89
N ALA B 25 -1.65 0.43 13.61
CA ALA B 25 -0.88 -0.35 12.68
C ALA B 25 -0.39 0.48 11.50
N ILE B 26 0.93 0.49 11.30
CA ILE B 26 1.52 1.20 10.19
C ILE B 26 2.20 0.15 9.29
N ARG B 27 1.65 0.03 8.08
CA ARG B 27 2.11 -0.94 7.12
C ARG B 27 2.76 -0.23 5.94
N PHE B 28 3.90 -0.74 5.50
CA PHE B 28 4.61 -0.16 4.33
C PHE B 28 4.48 -1.07 3.12
N ASP B 29 4.57 -0.49 1.92
CA ASP B 29 4.53 -1.27 0.68
C ASP B 29 5.92 -1.71 0.21
N GLU B 30 6.91 -1.55 1.08
CA GLU B 30 8.26 -2.11 0.88
C GLU B 30 8.82 -2.56 2.23
N ASN B 31 9.72 -3.53 2.22
CA ASN B 31 10.49 -3.86 3.45
C ASN B 31 11.29 -2.65 3.97
N ILE B 32 11.30 -2.49 5.28
CA ILE B 32 11.99 -1.38 5.97
C ILE B 32 13.36 -1.83 6.51
N ALA B 33 14.43 -1.30 5.94
CA ALA B 33 15.78 -1.68 6.37
C ALA B 33 16.09 -1.07 7.75
N ASP B 34 15.73 0.18 7.95
CA ASP B 34 16.07 0.92 9.15
C ASP B 34 14.79 1.18 9.95
N ARG B 35 14.45 0.20 10.79
CA ARG B 35 13.24 0.24 11.60
C ARG B 35 13.26 1.41 12.59
N GLY B 36 14.45 1.69 13.16
CA GLY B 36 14.59 2.85 14.04
C GLY B 36 14.17 4.18 13.37
N ALA B 37 14.55 4.35 12.10
CA ALA B 37 14.18 5.57 11.37
C ALA B 37 12.65 5.66 11.15
N ALA B 38 12.02 4.54 10.84
CA ALA B 38 10.57 4.54 10.67
C ALA B 38 9.90 4.90 12.02
N GLU B 39 10.34 4.29 13.13
CA GLU B 39 9.71 4.58 14.41
C GLU B 39 9.88 6.07 14.78
N LYS B 40 11.07 6.62 14.56
CA LYS B 40 11.38 8.03 14.85
C LYS B 40 10.44 8.97 14.11
N ALA B 41 10.03 8.57 12.90
CA ALA B 41 9.18 9.38 12.05
C ALA B 41 7.68 9.32 12.38
N ILE B 42 7.25 8.44 13.29
CA ILE B 42 5.83 8.25 13.62
C ILE B 42 5.53 8.80 15.01
N LYS B 43 4.67 9.81 15.07
CA LYS B 43 4.29 10.48 16.32
C LYS B 43 2.87 10.10 16.69
N ILE B 44 2.73 9.47 17.84
CA ILE B 44 1.43 9.02 18.35
C ILE B 44 1.09 9.87 19.57
N THR B 45 -0.06 10.55 19.52
CA THR B 45 -0.54 11.36 20.61
C THR B 45 -1.77 10.66 21.19
N THR B 46 -1.83 10.52 22.51
CA THR B 46 -2.97 9.95 23.22
C THR B 46 -3.53 10.93 24.30
N ASN B 47 -4.85 10.87 24.52
CA ASN B 47 -5.55 11.70 25.48
C ASN B 47 -6.79 10.95 25.99
N PRO B 48 -6.79 10.45 27.24
CA PRO B 48 -5.70 10.73 28.23
C PRO B 48 -4.34 10.12 27.84
N PRO B 49 -3.23 10.83 28.11
CA PRO B 49 -1.92 10.30 27.74
C PRO B 49 -1.65 8.97 28.43
N VAL B 50 -1.20 8.01 27.64
CA VAL B 50 -0.74 6.71 28.12
C VAL B 50 0.55 6.31 27.43
N GLU B 51 1.47 5.65 28.16
CA GLU B 51 2.68 5.18 27.55
C GLU B 51 2.33 4.07 26.56
N GLY B 52 2.97 4.10 25.40
CA GLY B 52 2.90 3.03 24.42
C GLY B 52 4.25 2.85 23.76
N ALA B 53 4.34 1.82 22.93
CA ALA B 53 5.56 1.46 22.25
C ALA B 53 5.32 0.70 20.96
N PHE B 54 6.36 0.73 20.12
CA PHE B 54 6.37 0.09 18.83
C PHE B 54 6.92 -1.35 18.89
N TYR B 55 6.30 -2.25 18.12
CA TYR B 55 6.82 -3.61 17.95
C TYR B 55 6.45 -4.08 16.52
N TRP B 56 7.44 -4.64 15.82
CA TRP B 56 7.32 -5.07 14.42
C TRP B 56 6.81 -6.51 14.37
N LEU B 57 5.81 -6.75 13.53
CA LEU B 57 5.26 -8.08 13.31
C LEU B 57 5.90 -8.77 12.15
N ASN B 58 6.46 -7.99 11.23
CA ASN B 58 7.18 -8.47 10.08
C ASN B 58 8.00 -7.33 9.49
N ASN B 59 8.60 -7.50 8.32
CA ASN B 59 9.51 -6.48 7.83
C ASN B 59 8.83 -5.23 7.28
N ARG B 60 7.51 -5.29 7.14
N ARG B 60 7.51 -5.24 7.15
CA ARG B 60 6.73 -4.23 6.50
CA ARG B 60 6.83 -4.08 6.58
C ARG B 60 5.67 -3.60 7.42
C ARG B 60 5.73 -3.52 7.47
N GLU B 61 5.47 -4.17 8.62
CA GLU B 61 4.38 -3.74 9.49
C GLU B 61 4.81 -3.61 10.94
N VAL B 62 4.56 -2.42 11.49
CA VAL B 62 4.81 -2.10 12.90
C VAL B 62 3.49 -1.74 13.61
N ARG B 63 3.42 -2.12 14.88
CA ARG B 63 2.27 -1.91 15.74
C ARG B 63 2.65 -1.04 16.93
N TRP B 64 1.70 -0.24 17.41
CA TRP B 64 1.88 0.53 18.65
C TRP B 64 0.66 0.35 19.55
N ARG B 65 0.93 0.09 20.84
CA ARG B 65 -0.11 -0.09 21.82
C ARG B 65 0.45 0.24 23.22
N PRO B 66 -0.45 0.58 24.17
CA PRO B 66 -0.09 0.66 25.58
C PRO B 66 0.10 -0.73 26.24
N GLU B 67 0.45 -0.71 27.52
CA GLU B 67 0.67 -1.92 28.30
C GLU B 67 -0.59 -2.67 28.58
N HIS B 68 -1.64 -1.92 28.95
CA HIS B 68 -2.97 -2.49 29.25
C HIS B 68 -3.94 -2.05 28.18
N PHE B 69 -5.08 -2.71 28.10
CA PHE B 69 -6.09 -2.30 27.13
C PHE B 69 -6.39 -0.80 27.26
N TRP B 70 -6.73 -0.21 26.13
CA TRP B 70 -7.08 1.20 26.08
C TRP B 70 -8.22 1.52 27.05
N LYS B 71 -8.18 2.73 27.64
CA LYS B 71 -9.35 3.25 28.37
C LYS B 71 -10.42 3.79 27.41
N PRO B 72 -11.69 3.35 27.57
CA PRO B 72 -12.75 3.95 26.74
C PRO B 72 -12.72 5.46 26.78
N GLY B 73 -12.97 6.08 25.63
CA GLY B 73 -12.96 7.53 25.47
C GLY B 73 -11.64 8.11 24.99
N THR B 74 -10.58 7.31 25.08
CA THR B 74 -9.24 7.79 24.65
C THR B 74 -9.25 8.22 23.20
N ALA B 75 -8.72 9.43 22.95
CA ALA B 75 -8.55 9.98 21.63
C ALA B 75 -7.13 9.74 21.20
N VAL B 76 -6.95 9.17 20.02
CA VAL B 76 -5.64 8.83 19.48
C VAL B 76 -5.43 9.54 18.14
N ASP B 77 -4.27 10.19 18.03
CA ASP B 77 -3.89 10.89 16.81
C ASP B 77 -2.54 10.33 16.34
N VAL B 78 -2.48 9.94 15.07
CA VAL B 78 -1.30 9.29 14.51
C VAL B 78 -0.78 10.13 13.33
N ALA B 79 0.46 10.60 13.46
CA ALA B 79 1.13 11.34 12.39
C ALA B 79 2.34 10.55 11.91
N VAL B 80 2.21 9.98 10.71
CA VAL B 80 3.28 9.22 10.06
C VAL B 80 4.05 10.20 9.17
N ASN B 81 5.14 10.76 9.71
CA ASN B 81 5.85 11.86 9.06
C ASN B 81 7.05 11.35 8.26
N THR B 82 6.79 10.44 7.34
CA THR B 82 7.82 9.71 6.61
C THR B 82 8.32 10.38 5.31
N TYR B 83 7.66 11.46 4.88
CA TYR B 83 8.08 12.10 3.62
C TYR B 83 9.58 12.44 3.62
N GLY B 84 10.31 11.86 2.67
CA GLY B 84 11.72 12.17 2.51
C GLY B 84 12.66 11.57 3.56
N VAL B 85 12.12 10.73 4.44
CA VAL B 85 12.94 10.08 5.50
C VAL B 85 13.74 8.94 4.88
N ASP B 86 15.03 8.90 5.21
CA ASP B 86 15.92 7.82 4.86
C ASP B 86 15.57 6.57 5.66
N LEU B 87 14.93 5.61 4.98
CA LEU B 87 14.50 4.36 5.61
C LEU B 87 15.54 3.23 5.44
N GLY B 88 16.74 3.57 4.96
CA GLY B 88 17.83 2.61 4.79
C GLY B 88 17.92 1.92 3.45
N GLU B 89 19.14 1.56 3.04
CA GLU B 89 19.37 0.81 1.82
C GLU B 89 18.76 1.56 0.60
N GLY B 90 18.88 2.89 0.61
CA GLY B 90 18.50 3.74 -0.52
C GLY B 90 17.01 3.99 -0.70
N MET B 91 16.22 3.52 0.28
CA MET B 91 14.78 3.71 0.28
C MET B 91 14.37 4.93 1.09
N PHE B 92 13.54 5.77 0.48
CA PHE B 92 13.03 6.98 1.14
C PHE B 92 11.50 6.98 1.25
N GLY B 93 10.99 7.58 2.31
CA GLY B 93 9.55 7.76 2.50
C GLY B 93 8.91 8.60 1.41
N GLU B 94 7.82 8.07 0.84
CA GLU B 94 7.19 8.69 -0.31
C GLU B 94 6.29 9.86 0.08
N ASP B 95 5.66 9.76 1.25
CA ASP B 95 4.64 10.74 1.69
C ASP B 95 4.41 10.57 3.20
N ASN B 96 3.62 11.47 3.75
CA ASN B 96 3.09 11.41 5.09
C ASN B 96 1.67 10.91 5.06
N VAL B 97 1.25 10.26 6.14
CA VAL B 97 -0.15 9.90 6.33
C VAL B 97 -0.56 10.15 7.78
N GLN B 98 -1.86 10.25 7.99
CA GLN B 98 -2.37 10.41 9.34
C GLN B 98 -3.70 9.70 9.55
N THR B 99 -4.02 9.48 10.81
CA THR B 99 -5.36 9.02 11.20
C THR B 99 -5.63 9.54 12.60
N HIS B 100 -6.92 9.68 12.89
CA HIS B 100 -7.42 10.08 14.22
C HIS B 100 -8.56 9.15 14.51
N PHE B 101 -8.58 8.58 15.70
CA PHE B 101 -9.65 7.68 16.09
C PHE B 101 -9.94 7.75 17.57
N THR B 102 -10.98 7.07 18.01
CA THR B 102 -11.43 7.08 19.40
C THR B 102 -11.65 5.66 19.86
N ILE B 103 -11.43 5.43 21.15
CA ILE B 103 -11.70 4.13 21.79
C ILE B 103 -13.11 4.14 22.36
N GLY B 104 -13.91 3.15 21.99
CA GLY B 104 -15.26 3.00 22.53
C GLY B 104 -15.36 2.15 23.78
N ASP B 105 -16.53 1.55 23.97
CA ASP B 105 -16.79 0.73 25.16
C ASP B 105 -15.81 -0.43 25.23
N GLU B 106 -15.53 -0.84 26.46
CA GLU B 106 -14.73 -2.03 26.75
C GLU B 106 -15.60 -3.26 26.66
N VAL B 107 -15.29 -4.14 25.73
CA VAL B 107 -16.03 -5.37 25.47
C VAL B 107 -15.00 -6.49 25.45
N ILE B 108 -15.10 -7.34 26.48
CA ILE B 108 -14.22 -8.47 26.69
C ILE B 108 -15.09 -9.72 26.89
N ALA B 109 -14.93 -10.66 25.96
CA ALA B 109 -15.58 -11.94 26.04
C ALA B 109 -14.61 -13.04 26.41
N THR B 110 -14.86 -13.70 27.54
CA THR B 110 -13.96 -14.74 28.06
C THR B 110 -14.52 -16.14 27.88
N ALA B 111 -13.77 -16.98 27.16
CA ALA B 111 -14.10 -18.41 27.04
C ALA B 111 -13.22 -19.23 27.98
N ASP B 112 -13.86 -19.88 28.95
CA ASP B 112 -13.16 -20.64 29.99
C ASP B 112 -13.34 -22.12 29.71
N ASP B 113 -12.25 -22.85 29.43
CA ASP B 113 -12.41 -24.29 29.13
C ASP B 113 -12.91 -25.11 30.32
N ASN B 114 -12.73 -24.62 31.54
CA ASN B 114 -13.23 -25.35 32.71
C ASN B 114 -14.77 -25.38 32.77
N THR B 115 -15.43 -24.35 32.23
CA THR B 115 -16.90 -24.22 32.27
C THR B 115 -17.56 -24.39 30.89
N LYS B 116 -16.74 -24.24 29.84
CA LYS B 116 -17.19 -24.23 28.44
C LYS B 116 -18.31 -23.19 28.21
N ILE B 117 -18.11 -22.04 28.84
CA ILE B 117 -18.97 -20.87 28.67
C ILE B 117 -18.11 -19.69 28.17
N LEU B 118 -18.65 -18.99 27.18
CA LEU B 118 -18.14 -17.73 26.67
C LEU B 118 -19.02 -16.60 27.25
N THR B 119 -18.42 -15.76 28.09
CA THR B 119 -19.14 -14.71 28.81
C THR B 119 -18.73 -13.33 28.29
N VAL B 120 -19.71 -12.54 27.85
CA VAL B 120 -19.43 -11.22 27.29
C VAL B 120 -19.66 -10.13 28.36
N ARG B 121 -18.63 -9.33 28.63
CA ARG B 121 -18.67 -8.24 29.60
C ARG B 121 -18.47 -6.90 28.87
N VAL B 122 -19.36 -5.96 29.15
CA VAL B 122 -19.30 -4.60 28.62
C VAL B 122 -19.07 -3.67 29.81
N ASN B 123 -17.93 -2.97 29.79
CA ASN B 123 -17.50 -2.11 30.90
C ASN B 123 -17.65 -2.80 32.26
N GLY B 124 -17.24 -4.05 32.29
CA GLY B 124 -17.21 -4.84 33.50
C GLY B 124 -18.47 -5.62 33.83
N GLU B 125 -19.58 -5.37 33.14
CA GLU B 125 -20.86 -6.03 33.46
C GLU B 125 -21.20 -7.14 32.48
N VAL B 126 -21.64 -8.28 33.00
CA VAL B 126 -22.05 -9.39 32.11
C VAL B 126 -23.34 -9.01 31.37
N VAL B 127 -23.29 -9.12 30.03
CA VAL B 127 -24.44 -8.87 29.18
C VAL B 127 -24.95 -10.11 28.48
N LYS B 128 -24.10 -11.14 28.36
CA LYS B 128 -24.49 -12.36 27.67
C LYS B 128 -23.58 -13.49 28.11
N SER B 129 -24.16 -14.68 28.24
CA SER B 129 -23.42 -15.90 28.49
C SER B 129 -23.84 -16.89 27.40
N MET B 130 -22.84 -17.59 26.83
N MET B 130 -22.87 -17.57 26.79
CA MET B 130 -23.04 -18.51 25.72
CA MET B 130 -23.21 -18.57 25.79
C MET B 130 -22.30 -19.85 25.92
C MET B 130 -22.36 -19.83 25.94
N PRO B 131 -23.03 -20.98 25.94
CA PRO B 131 -22.29 -22.23 25.92
C PRO B 131 -21.44 -22.36 24.64
N THR B 132 -20.27 -22.95 24.75
CA THR B 132 -19.39 -23.11 23.61
C THR B 132 -18.74 -24.48 23.58
N SER B 133 -18.29 -24.88 22.37
CA SER B 133 -17.50 -26.08 22.13
C SER B 133 -16.24 -25.60 21.37
N MET B 134 -15.09 -25.83 21.97
CA MET B 134 -13.85 -25.37 21.41
C MET B 134 -13.05 -26.57 20.83
N GLY B 135 -11.76 -26.39 20.58
CA GLY B 135 -10.94 -27.35 19.88
C GLY B 135 -10.79 -28.66 20.66
N LYS B 136 -10.92 -29.79 19.96
CA LYS B 136 -10.66 -31.12 20.52
C LYS B 136 -9.28 -31.17 21.16
N ASP B 137 -9.08 -32.12 22.07
CA ASP B 137 -7.78 -32.25 22.77
C ASP B 137 -6.55 -32.32 21.84
N SER B 138 -6.70 -32.98 20.68
CA SER B 138 -5.56 -33.08 19.74
C SER B 138 -5.42 -31.85 18.78
N THR B 139 -6.43 -30.99 18.80
CA THR B 139 -6.48 -29.76 17.99
C THR B 139 -7.03 -28.60 18.83
N PRO B 140 -6.34 -28.30 19.97
CA PRO B 140 -6.93 -27.40 20.95
C PRO B 140 -6.98 -25.96 20.48
N THR B 141 -7.88 -25.20 21.08
CA THR B 141 -7.90 -23.74 20.94
C THR B 141 -6.76 -23.17 21.79
N ALA B 142 -5.91 -22.32 21.20
CA ALA B 142 -4.87 -21.65 21.98
C ALA B 142 -5.49 -20.70 23.03
N ASN B 143 -4.90 -20.74 24.21
CA ASN B 143 -5.16 -19.71 25.20
C ASN B 143 -4.61 -18.37 24.76
N GLY B 144 -5.18 -17.32 25.33
CA GLY B 144 -4.65 -15.98 25.16
C GLY B 144 -5.67 -14.93 24.79
N ILE B 145 -5.13 -13.77 24.41
CA ILE B 145 -5.94 -12.61 24.06
C ILE B 145 -6.00 -12.48 22.55
N TYR B 146 -7.22 -12.44 22.01
CA TYR B 146 -7.47 -12.34 20.60
C TYR B 146 -8.17 -10.99 20.35
N ILE B 147 -7.74 -10.28 19.32
CA ILE B 147 -8.38 -9.01 18.91
C ILE B 147 -9.41 -9.35 17.83
N VAL B 148 -10.64 -8.87 18.02
CA VAL B 148 -11.68 -9.06 17.06
C VAL B 148 -11.37 -8.28 15.76
N GLY B 149 -11.50 -8.97 14.63
CA GLY B 149 -11.27 -8.43 13.30
C GLY B 149 -12.59 -8.32 12.54
N SER B 150 -12.62 -8.91 11.36
CA SER B 150 -13.77 -8.83 10.47
C SER B 150 -14.88 -9.81 10.86
N ARG B 151 -16.07 -9.58 10.33
N ARG B 151 -16.07 -9.56 10.33
CA ARG B 151 -17.23 -10.44 10.54
CA ARG B 151 -17.27 -10.38 10.54
C ARG B 151 -17.91 -10.74 9.21
C ARG B 151 -17.90 -10.74 9.20
N TYR B 152 -18.51 -11.93 9.15
CA TYR B 152 -19.11 -12.43 7.93
C TYR B 152 -20.47 -13.04 8.24
N LYS B 153 -21.49 -12.62 7.50
CA LYS B 153 -22.83 -13.18 7.69
C LYS B 153 -22.83 -14.64 7.26
N HIS B 154 -22.09 -14.92 6.19
CA HIS B 154 -21.91 -16.28 5.68
C HIS B 154 -20.53 -16.43 5.06
N ILE B 155 -19.91 -17.58 5.28
CA ILE B 155 -18.58 -17.84 4.76
C ILE B 155 -18.45 -19.34 4.60
N ILE B 156 -17.69 -19.80 3.62
CA ILE B 156 -17.38 -21.23 3.47
C ILE B 156 -15.96 -21.46 3.96
N MET B 157 -15.86 -22.25 5.02
CA MET B 157 -14.59 -22.69 5.57
C MET B 157 -14.22 -24.02 4.93
N ASP B 158 -12.92 -24.29 4.78
CA ASP B 158 -12.51 -25.59 4.22
C ASP B 158 -11.25 -26.12 4.87
N SER B 159 -10.94 -27.38 4.54
CA SER B 159 -9.77 -28.12 5.09
C SER B 159 -8.50 -27.31 5.16
N SER B 160 -8.29 -26.43 4.20
CA SER B 160 -6.99 -25.77 4.02
C SER B 160 -6.57 -24.85 5.16
N THR B 161 -7.50 -24.42 6.00
CA THR B 161 -7.14 -23.71 7.22
C THR B 161 -6.14 -24.51 8.07
N TYR B 162 -6.28 -25.84 8.07
CA TYR B 162 -5.42 -26.76 8.85
C TYR B 162 -4.48 -27.57 7.93
N GLY B 171 -10.99 -34.44 3.59
CA GLY B 171 -11.22 -33.19 2.82
C GLY B 171 -12.69 -32.76 2.78
N TYR B 172 -12.94 -31.47 2.98
CA TYR B 172 -14.31 -30.95 3.17
C TYR B 172 -14.39 -29.42 3.02
N ARG B 173 -15.59 -28.94 2.71
CA ARG B 173 -15.97 -27.54 2.78
C ARG B 173 -17.17 -27.47 3.73
N THR B 174 -17.26 -26.39 4.52
CA THR B 174 -18.35 -26.22 5.46
C THR B 174 -18.93 -24.81 5.32
N ASP B 175 -20.22 -24.72 5.03
CA ASP B 175 -20.98 -23.47 5.12
C ASP B 175 -21.16 -23.07 6.57
N VAL B 176 -20.82 -21.83 6.89
CA VAL B 176 -20.87 -21.30 8.24
C VAL B 176 -21.57 -19.92 8.27
N ASP B 177 -22.50 -19.74 9.19
CA ASP B 177 -23.19 -18.48 9.42
C ASP B 177 -22.55 -17.73 10.59
N TRP B 178 -22.63 -16.39 10.50
CA TRP B 178 -22.39 -15.49 11.64
C TRP B 178 -21.00 -15.69 12.22
N ALA B 179 -19.99 -15.54 11.38
CA ALA B 179 -18.59 -15.80 11.74
C ALA B 179 -17.85 -14.49 12.06
N THR B 180 -17.26 -14.43 13.24
CA THR B 180 -16.48 -13.28 13.69
C THR B 180 -15.02 -13.75 13.82
N GLN B 181 -14.13 -13.18 13.01
CA GLN B 181 -12.71 -13.54 12.94
C GLN B 181 -12.01 -12.98 14.17
N ILE B 182 -11.26 -13.83 14.86
CA ILE B 182 -10.46 -13.40 16.00
C ILE B 182 -8.93 -13.71 15.92
N SER B 183 -8.48 -14.38 14.85
CA SER B 183 -7.04 -14.54 14.54
C SER B 183 -6.82 -14.60 13.03
N TYR B 184 -5.67 -14.11 12.56
CA TYR B 184 -5.33 -14.30 11.13
C TYR B 184 -5.17 -15.79 10.80
N SER B 185 -4.74 -16.60 11.79
CA SER B 185 -4.58 -18.05 11.58
C SER B 185 -5.93 -18.77 11.32
N GLY B 186 -7.05 -18.08 11.54
CA GLY B 186 -8.37 -18.61 11.15
C GLY B 186 -9.26 -19.09 12.26
N VAL B 187 -9.05 -18.58 13.48
CA VAL B 187 -9.95 -18.80 14.60
C VAL B 187 -11.11 -17.80 14.50
N PHE B 188 -12.32 -18.37 14.52
CA PHE B 188 -13.57 -17.61 14.57
C PHE B 188 -14.48 -18.05 15.73
N VAL B 189 -15.35 -17.14 16.13
CA VAL B 189 -16.58 -17.42 16.87
C VAL B 189 -17.64 -17.54 15.79
N HIS B 190 -18.37 -18.65 15.77
CA HIS B 190 -19.36 -18.84 14.69
C HIS B 190 -20.50 -19.76 15.07
N SER B 191 -21.56 -19.73 14.24
CA SER B 191 -22.71 -20.61 14.43
C SER B 191 -22.37 -22.04 14.07
N ALA B 192 -22.73 -22.98 14.92
CA ALA B 192 -22.44 -24.39 14.71
C ALA B 192 -23.67 -25.20 15.15
N PRO B 193 -24.69 -25.30 14.27
CA PRO B 193 -25.90 -26.03 14.70
C PRO B 193 -25.62 -27.51 14.98
N TRP B 194 -24.62 -28.06 14.32
CA TRP B 194 -24.25 -29.47 14.46
C TRP B 194 -23.73 -29.84 15.82
N SER B 195 -23.20 -28.87 16.57
CA SER B 195 -22.60 -29.18 17.89
C SER B 195 -23.35 -28.57 19.09
N VAL B 196 -24.60 -28.13 18.89
CA VAL B 196 -25.34 -27.49 19.97
C VAL B 196 -25.42 -28.35 21.22
N GLY B 197 -25.63 -29.66 21.08
CA GLY B 197 -25.71 -30.51 22.29
C GLY B 197 -24.40 -30.62 23.05
N ALA B 198 -23.27 -30.47 22.35
CA ALA B 198 -21.94 -30.51 22.96
C ALA B 198 -21.53 -29.17 23.60
N GLN B 199 -22.08 -28.07 23.07
CA GLN B 199 -21.74 -26.73 23.57
C GLN B 199 -22.07 -26.64 25.07
N GLY B 200 -21.10 -26.14 25.87
CA GLY B 200 -21.22 -26.18 27.32
C GLY B 200 -20.73 -27.46 28.01
N HIS B 201 -20.29 -28.45 27.24
CA HIS B 201 -20.02 -29.80 27.78
C HIS B 201 -18.71 -30.43 27.27
N THR B 202 -18.53 -30.51 25.95
CA THR B 202 -17.35 -31.15 25.37
C THR B 202 -16.81 -30.32 24.21
N ASN B 203 -15.51 -30.41 23.99
CA ASN B 203 -14.85 -29.78 22.85
C ASN B 203 -14.79 -30.69 21.64
N THR B 204 -15.27 -30.16 20.53
CA THR B 204 -15.49 -30.95 19.33
C THR B 204 -14.91 -30.34 18.03
N SER B 205 -14.36 -29.12 18.07
CA SER B 205 -13.92 -28.42 16.86
C SER B 205 -12.45 -28.62 16.54
N HIS B 206 -12.04 -28.08 15.39
CA HIS B 206 -10.63 -28.01 15.00
C HIS B 206 -9.89 -26.81 15.64
N GLY B 207 -10.59 -26.01 16.44
CA GLY B 207 -9.97 -24.85 17.09
C GLY B 207 -10.90 -23.66 17.24
N CYS B 208 -11.89 -23.54 16.34
CA CYS B 208 -12.84 -22.43 16.41
C CYS B 208 -13.79 -22.57 17.61
N LEU B 209 -14.37 -21.45 18.03
CA LEU B 209 -15.34 -21.39 19.12
C LEU B 209 -16.75 -21.53 18.55
N ASN B 210 -17.31 -22.74 18.66
CA ASN B 210 -18.68 -23.06 18.23
C ASN B 210 -19.66 -22.53 19.26
N VAL B 211 -20.65 -21.77 18.81
CA VAL B 211 -21.80 -21.41 19.61
C VAL B 211 -23.11 -21.62 18.84
N SER B 212 -24.25 -21.39 19.47
CA SER B 212 -25.56 -21.64 18.82
C SER B 212 -25.79 -20.60 17.73
N PRO B 213 -26.67 -20.90 16.78
CA PRO B 213 -26.99 -19.86 15.79
C PRO B 213 -27.44 -18.52 16.39
N SER B 214 -28.29 -18.53 17.40
CA SER B 214 -28.75 -17.26 18.01
C SER B 214 -27.59 -16.54 18.69
N ASN B 215 -26.77 -17.28 19.42
CA ASN B 215 -25.62 -16.65 20.07
C ASN B 215 -24.55 -16.11 19.12
N ALA B 216 -24.31 -16.82 18.01
CA ALA B 216 -23.37 -16.36 17.00
C ALA B 216 -23.86 -15.06 16.37
N GLN B 217 -25.16 -14.99 16.05
CA GLN B 217 -25.74 -13.78 15.50
C GLN B 217 -25.64 -12.64 16.49
N TRP B 218 -25.93 -12.91 17.75
CA TRP B 218 -25.79 -11.90 18.81
C TRP B 218 -24.37 -11.36 18.80
N PHE B 219 -23.38 -12.25 18.72
CA PHE B 219 -21.96 -11.85 18.77
C PHE B 219 -21.59 -10.95 17.58
N TYR B 220 -22.02 -11.39 16.39
CA TYR B 220 -21.86 -10.68 15.13
C TYR B 220 -22.47 -9.28 15.21
N ASP B 221 -23.67 -9.18 15.79
CA ASP B 221 -24.37 -7.89 15.94
C ASP B 221 -23.80 -6.93 16.99
N HIS B 222 -23.13 -7.45 18.03
CA HIS B 222 -22.76 -6.61 19.21
C HIS B 222 -21.27 -6.44 19.52
N VAL B 223 -20.43 -7.24 18.89
CA VAL B 223 -19.01 -7.11 19.06
C VAL B 223 -18.47 -6.45 17.79
N LYS B 224 -17.52 -5.53 18.00
CA LYS B 224 -16.91 -4.68 16.99
C LYS B 224 -15.37 -4.91 16.87
N ARG B 225 -14.82 -4.50 15.73
CA ARG B 225 -13.38 -4.46 15.47
C ARG B 225 -12.62 -3.81 16.64
N GLY B 226 -11.67 -4.56 17.22
CA GLY B 226 -10.90 -4.04 18.35
C GLY B 226 -11.35 -4.56 19.71
N ASP B 227 -12.54 -5.15 19.78
CA ASP B 227 -13.00 -5.79 21.03
C ASP B 227 -12.14 -7.05 21.27
N ILE B 228 -12.27 -7.63 22.46
CA ILE B 228 -11.38 -8.70 22.89
C ILE B 228 -12.09 -10.01 23.16
N VAL B 229 -11.49 -11.11 22.71
CA VAL B 229 -11.87 -12.48 23.20
C VAL B 229 -10.64 -13.03 23.96
N GLU B 230 -10.85 -13.48 25.19
CA GLU B 230 -9.79 -14.10 25.99
C GLU B 230 -10.17 -15.56 26.19
N VAL B 231 -9.25 -16.45 25.83
CA VAL B 231 -9.42 -17.89 26.04
C VAL B 231 -8.50 -18.28 27.20
N VAL B 232 -9.07 -19.01 28.16
CA VAL B 232 -8.31 -19.48 29.34
C VAL B 232 -8.57 -20.97 29.60
N ASN B 233 -7.54 -21.61 30.15
CA ASN B 233 -7.59 -22.98 30.69
C ASN B 233 -7.67 -24.14 29.70
N THR B 234 -7.43 -23.87 28.42
CA THR B 234 -7.38 -24.95 27.45
C THR B 234 -6.02 -25.68 27.58
N VAL B 235 -5.90 -26.83 26.91
CA VAL B 235 -4.59 -27.52 26.76
C VAL B 235 -3.77 -27.09 25.55
N GLY B 236 -4.17 -25.99 24.94
CA GLY B 236 -3.40 -25.41 23.88
C GLY B 236 -2.28 -24.53 24.44
N GLY B 237 -1.45 -24.05 23.56
CA GLY B 237 -0.43 -23.06 23.89
C GLY B 237 -1.00 -21.66 23.98
N THR B 238 -0.18 -20.67 23.69
CA THR B 238 -0.65 -19.27 23.62
C THR B 238 -0.71 -18.82 22.16
N LEU B 239 -1.73 -18.04 21.81
CA LEU B 239 -1.80 -17.51 20.47
C LEU B 239 -0.50 -16.70 20.19
N PRO B 240 0.14 -16.95 19.04
CA PRO B 240 1.35 -16.19 18.71
C PRO B 240 1.16 -14.69 18.72
N GLY B 241 2.09 -13.99 19.38
CA GLY B 241 2.11 -12.57 19.36
C GLY B 241 2.15 -11.92 17.99
N ILE B 242 2.75 -12.60 17.01
CA ILE B 242 2.83 -12.07 15.64
C ILE B 242 1.75 -12.65 14.69
N ASP B 243 0.66 -13.18 15.25
CA ASP B 243 -0.46 -13.70 14.45
C ASP B 243 -0.96 -12.68 13.42
N GLY B 244 -1.08 -11.43 13.89
CA GLY B 244 -1.79 -10.37 13.19
C GLY B 244 -2.87 -9.77 14.07
N LEU B 245 -3.51 -10.62 14.89
CA LEU B 245 -4.47 -10.20 15.93
C LEU B 245 -4.09 -10.67 17.36
N GLY B 246 -2.81 -10.99 17.52
CA GLY B 246 -2.26 -11.63 18.71
C GLY B 246 -1.37 -10.76 19.58
N ASP B 247 -1.32 -9.45 19.28
CA ASP B 247 -0.37 -8.49 19.85
C ASP B 247 -0.29 -8.51 21.38
N TRP B 248 -1.42 -8.67 22.04
CA TRP B 248 -1.46 -8.59 23.50
C TRP B 248 -0.83 -9.79 24.19
N ASN B 249 -0.51 -10.86 23.45
CA ASN B 249 0.15 -12.01 24.06
C ASN B 249 1.64 -11.81 24.30
N ILE B 250 2.20 -10.79 23.68
N ILE B 250 2.21 -10.79 23.67
CA ILE B 250 3.60 -10.45 23.93
CA ILE B 250 3.60 -10.41 23.89
C ILE B 250 3.67 -9.68 25.25
C ILE B 250 3.66 -9.68 25.24
N PRO B 251 4.50 -10.14 26.18
CA PRO B 251 4.53 -9.44 27.47
C PRO B 251 5.07 -8.04 27.31
N TRP B 252 4.65 -7.14 28.21
CA TRP B 252 4.96 -5.74 28.09
C TRP B 252 6.46 -5.48 28.06
N ASP B 253 7.25 -6.16 28.89
CA ASP B 253 8.68 -5.84 28.87
C ASP B 253 9.32 -6.09 27.47
N GLN B 254 8.90 -7.16 26.83
CA GLN B 254 9.34 -7.50 25.49
C GLN B 254 8.81 -6.50 24.43
N TRP B 255 7.53 -6.16 24.54
CA TRP B 255 6.91 -5.20 23.58
C TRP B 255 7.61 -3.85 23.70
N ARG B 256 7.74 -3.37 24.94
CA ARG B 256 8.34 -2.06 25.21
C ARG B 256 9.79 -2.01 24.68
N ALA B 257 10.57 -3.07 24.93
CA ALA B 257 11.95 -3.11 24.46
C ALA B 257 12.04 -3.08 22.94
N GLY B 258 10.98 -3.59 22.29
CA GLY B 258 10.89 -3.54 20.83
C GLY B 258 11.85 -4.48 20.09
N ASN B 259 11.87 -4.35 18.78
CA ASN B 259 12.70 -5.14 17.92
C ASN B 259 13.22 -4.35 16.73
N ALA B 260 13.61 -3.09 16.98
CA ALA B 260 14.03 -2.21 15.88
C ALA B 260 15.40 -2.57 15.35
N LYS B 261 16.24 -3.20 16.18
CA LYS B 261 17.57 -3.61 15.69
C LYS B 261 17.54 -4.97 15.00
#